data_4R6H
#
_entry.id   4R6H
#
_cell.length_a   55.736
_cell.length_b   61.920
_cell.length_c   114.708
_cell.angle_alpha   90.00
_cell.angle_beta   90.00
_cell.angle_gamma   90.00
#
_symmetry.space_group_name_H-M   'P 21 21 21'
#
loop_
_entity.id
_entity.type
_entity.pdbx_description
1 polymer 'Solute binding protein MsmE'
2 non-polymer 'CHLORIDE ION'
3 water water
#
_entity_poly.entity_id   1
_entity_poly.type   'polypeptide(L)'
_entity_poly.pdbx_seq_one_letter_code
;MHHHHHHSSGVDLGTENLYFQSMEKSSADTAKKTLTIYSTMSTDSERDTFRKLAAAFEKEHSDIHVSLHFPGNDYENMMR
VRMAANDLPDLFDTHGWGKIRYGEYTADLRDMKWTQDLDPNLNSILKNKSGKVYAYPINQAKDGLAYNRNILDRYGIAPP
ETMDDFIKALRTIKEKSKGSIVPFWFAGYDKSSFAQYYDQFATPLLITDPAHNEKKQLINGTFQWSKFTYLSEILKQMQK
EKLINIDAVTAKKSQLIELMAQNKIAFTMQGGTLGQDVAQINPNVKVGIIPTPAIHPGDDPIWIGGERYTLAAWKDSPQL
KEAKDFIAFMARPANAKQMAEATSLPSGLTNVKADIFYANDYEYYQDVKVEPYFDRLYLPNGMWDVLGTVGQELAADILA
PQDISQKLGREYKRLREQSETQGAENNE
;
_entity_poly.pdbx_strand_id   A
#
# COMPACT_ATOMS: atom_id res chain seq x y z
N ALA A 28 -7.04 -7.74 -36.20
CA ALA A 28 -8.31 -7.61 -35.43
C ALA A 28 -9.47 -8.32 -36.13
N ASP A 29 -10.34 -8.85 -35.29
CA ASP A 29 -11.58 -9.51 -35.67
C ASP A 29 -12.67 -8.46 -35.60
N THR A 30 -13.25 -8.07 -36.75
CA THR A 30 -14.21 -6.99 -36.73
C THR A 30 -15.60 -7.42 -36.23
N ALA A 31 -15.76 -8.74 -35.98
CA ALA A 31 -16.95 -9.28 -35.33
C ALA A 31 -16.87 -9.17 -33.81
N LYS A 32 -15.79 -8.61 -33.30
CA LYS A 32 -15.66 -8.39 -31.84
C LYS A 32 -15.55 -6.90 -31.54
N LYS A 33 -16.03 -6.50 -30.38
CA LYS A 33 -15.81 -5.15 -29.86
C LYS A 33 -14.69 -5.21 -28.81
N THR A 34 -13.96 -4.11 -28.67
CA THR A 34 -12.81 -4.07 -27.79
C THR A 34 -13.24 -3.51 -26.44
N LEU A 35 -12.87 -4.18 -25.36
CA LEU A 35 -13.13 -3.70 -23.98
C LEU A 35 -11.75 -3.34 -23.44
N THR A 36 -11.52 -2.06 -23.19
CA THR A 36 -10.19 -1.61 -22.80
CA THR A 36 -10.20 -1.54 -22.82
C THR A 36 -10.09 -1.51 -21.29
N ILE A 37 -9.02 -2.09 -20.78
CA ILE A 37 -8.79 -2.15 -19.32
C ILE A 37 -7.37 -1.68 -19.01
N TYR A 38 -7.25 -0.70 -18.11
CA TYR A 38 -5.95 -0.23 -17.64
C TYR A 38 -5.72 -0.75 -16.22
N SER A 39 -4.47 -1.13 -15.94
CA SER A 39 -4.06 -1.72 -14.68
C SER A 39 -2.69 -1.20 -14.23
N THR A 40 -2.54 -0.98 -12.92
CA THR A 40 -1.21 -0.68 -12.32
C THR A 40 -0.43 -1.91 -11.86
N MET A 41 -0.94 -3.11 -12.16
CA MET A 41 -0.24 -4.33 -11.75
C MET A 41 1.16 -4.35 -12.35
N SER A 42 2.09 -4.91 -11.60
CA SER A 42 3.54 -4.81 -11.88
C SER A 42 4.24 -6.14 -12.07
N THR A 43 3.79 -7.19 -11.42
CA THR A 43 4.54 -8.45 -11.43
C THR A 43 4.05 -9.40 -12.51
N ASP A 44 4.94 -10.30 -12.91
CA ASP A 44 4.57 -11.28 -13.91
C ASP A 44 3.36 -12.10 -13.48
N SER A 45 3.28 -12.50 -12.21
CA SER A 45 2.17 -13.35 -11.74
C SER A 45 0.87 -12.58 -11.91
N GLU A 46 0.92 -11.28 -11.58
CA GLU A 46 -0.31 -10.48 -11.66
C GLU A 46 -0.73 -10.32 -13.09
N ARG A 47 0.20 -9.85 -13.92
CA ARG A 47 -0.14 -9.62 -15.29
C ARG A 47 -0.57 -10.89 -16.00
N ASP A 48 0.15 -11.99 -15.81
CA ASP A 48 -0.21 -13.25 -16.47
C ASP A 48 -1.57 -13.79 -16.01
N THR A 49 -1.87 -13.70 -14.71
CA THR A 49 -3.11 -14.17 -14.21
C THR A 49 -4.28 -13.32 -14.72
N PHE A 50 -4.09 -11.99 -14.75
CA PHE A 50 -5.11 -11.11 -15.28
C PHE A 50 -5.38 -11.45 -16.76
N ARG A 51 -4.33 -11.70 -17.56
CA ARG A 51 -4.52 -12.11 -18.94
C ARG A 51 -5.26 -13.45 -19.04
N LYS A 52 -4.96 -14.39 -18.16
CA LYS A 52 -5.62 -15.69 -18.22
CA LYS A 52 -5.63 -15.70 -18.13
C LYS A 52 -7.12 -15.51 -17.88
N LEU A 53 -7.45 -14.66 -16.90
CA LEU A 53 -8.82 -14.43 -16.58
C LEU A 53 -9.55 -13.68 -17.70
N ALA A 54 -8.85 -12.74 -18.34
CA ALA A 54 -9.43 -12.04 -19.51
C ALA A 54 -9.72 -13.04 -20.61
N ALA A 55 -8.81 -13.98 -20.84
CA ALA A 55 -9.06 -15.01 -21.85
C ALA A 55 -10.28 -15.90 -21.51
N ALA A 56 -10.46 -16.22 -20.23
CA ALA A 56 -11.59 -16.98 -19.76
C ALA A 56 -12.86 -16.19 -19.92
N PHE A 57 -12.80 -14.88 -19.69
CA PHE A 57 -13.97 -14.03 -19.95
C PHE A 57 -14.38 -14.07 -21.44
N GLU A 58 -13.37 -14.02 -22.29
CA GLU A 58 -13.59 -14.06 -23.75
C GLU A 58 -14.26 -15.37 -24.18
N LYS A 59 -13.99 -16.49 -23.49
CA LYS A 59 -14.68 -17.76 -23.82
C LYS A 59 -16.20 -17.68 -23.63
N GLU A 60 -16.61 -16.93 -22.61
CA GLU A 60 -17.99 -16.70 -22.26
C GLU A 60 -18.65 -15.57 -23.08
N HIS A 61 -17.82 -14.76 -23.76
CA HIS A 61 -18.27 -13.58 -24.50
C HIS A 61 -17.55 -13.53 -25.84
N SER A 62 -18.09 -14.27 -26.81
CA SER A 62 -17.50 -14.45 -28.12
C SER A 62 -17.39 -13.18 -28.94
N ASP A 63 -18.06 -12.12 -28.51
CA ASP A 63 -17.98 -10.85 -29.20
C ASP A 63 -17.09 -9.80 -28.55
N ILE A 64 -16.30 -10.19 -27.54
CA ILE A 64 -15.47 -9.20 -26.85
C ILE A 64 -14.00 -9.58 -26.97
N HIS A 65 -13.20 -8.62 -27.36
CA HIS A 65 -11.76 -8.72 -27.27
C HIS A 65 -11.34 -7.79 -26.11
N VAL A 66 -10.73 -8.39 -25.10
CA VAL A 66 -10.24 -7.63 -23.96
C VAL A 66 -8.85 -7.09 -24.29
N SER A 67 -8.70 -5.79 -24.22
CA SER A 67 -7.43 -5.11 -24.47
C SER A 67 -6.93 -4.62 -23.10
N LEU A 68 -6.00 -5.40 -22.55
CA LEU A 68 -5.43 -5.18 -21.23
C LEU A 68 -4.13 -4.42 -21.37
N HIS A 69 -4.02 -3.30 -20.68
CA HIS A 69 -2.85 -2.44 -20.68
C HIS A 69 -2.26 -2.35 -19.30
N PHE A 70 -0.94 -2.48 -19.24
CA PHE A 70 -0.14 -2.28 -18.03
C PHE A 70 0.92 -1.20 -18.30
N PRO A 71 0.51 0.07 -18.26
CA PRO A 71 1.40 1.20 -18.62
C PRO A 71 2.60 1.42 -17.70
N GLY A 72 2.65 0.76 -16.55
CA GLY A 72 3.76 0.96 -15.60
C GLY A 72 3.94 2.40 -15.18
N ASN A 73 5.16 2.92 -15.30
CA ASN A 73 5.46 4.27 -14.84
C ASN A 73 4.73 5.37 -15.60
N ASP A 74 4.21 5.04 -16.79
CA ASP A 74 3.47 6.00 -17.61
C ASP A 74 1.98 6.08 -17.22
N TYR A 75 1.53 5.25 -16.25
CA TYR A 75 0.10 5.17 -15.93
C TYR A 75 -0.53 6.52 -15.61
N GLU A 76 0.08 7.25 -14.67
CA GLU A 76 -0.48 8.50 -14.20
C GLU A 76 -0.58 9.54 -15.33
N ASN A 77 0.49 9.68 -16.10
CA ASN A 77 0.49 10.61 -17.21
C ASN A 77 -0.56 10.28 -18.28
N MET A 78 -0.67 9.00 -18.62
CA MET A 78 -1.67 8.58 -19.60
CA MET A 78 -1.66 8.54 -19.60
C MET A 78 -3.09 8.80 -19.10
N MET A 79 -3.35 8.49 -17.83
CA MET A 79 -4.70 8.71 -17.31
C MET A 79 -5.05 10.16 -17.17
N ARG A 80 -4.05 10.98 -16.87
CA ARG A 80 -4.25 12.42 -16.79
C ARG A 80 -4.72 12.96 -18.13
N VAL A 81 -4.05 12.52 -19.19
CA VAL A 81 -4.36 12.98 -20.55
C VAL A 81 -5.73 12.42 -20.93
N ARG A 82 -6.00 11.13 -20.63
CA ARG A 82 -7.29 10.56 -20.97
C ARG A 82 -8.45 11.24 -20.23
N MET A 83 -8.26 11.59 -18.97
CA MET A 83 -9.27 12.35 -18.19
C MET A 83 -9.53 13.70 -18.84
N ALA A 84 -8.46 14.39 -19.16
CA ALA A 84 -8.57 15.72 -19.82
C ALA A 84 -9.29 15.64 -21.17
N ALA A 85 -9.09 14.54 -21.89
CA ALA A 85 -9.74 14.28 -23.17
C ALA A 85 -11.20 13.76 -23.06
N ASN A 86 -11.64 13.48 -21.83
CA ASN A 86 -12.88 12.73 -21.59
C ASN A 86 -12.92 11.46 -22.47
N ASP A 87 -11.84 10.69 -22.39
CA ASP A 87 -11.58 9.55 -23.24
C ASP A 87 -10.87 8.47 -22.42
N LEU A 88 -11.62 7.98 -21.44
CA LEU A 88 -11.10 7.02 -20.50
C LEU A 88 -11.18 5.61 -21.06
N PRO A 89 -10.33 4.72 -20.53
CA PRO A 89 -10.56 3.34 -20.80
C PRO A 89 -11.90 2.92 -20.23
N ASP A 90 -12.43 1.81 -20.72
CA ASP A 90 -13.72 1.31 -20.20
C ASP A 90 -13.62 0.95 -18.72
N LEU A 91 -12.50 0.33 -18.39
CA LEU A 91 -12.20 -0.05 -17.00
C LEU A 91 -10.79 0.44 -16.68
N PHE A 92 -10.61 0.92 -15.47
CA PHE A 92 -9.30 1.43 -15.08
C PHE A 92 -9.08 1.22 -13.57
N ASP A 93 -7.81 1.25 -13.21
CA ASP A 93 -7.38 1.03 -11.82
C ASP A 93 -7.26 2.38 -11.11
N THR A 94 -7.95 2.53 -9.99
CA THR A 94 -7.84 3.78 -9.25
C THR A 94 -6.67 3.81 -8.25
N HIS A 95 -6.10 2.65 -7.93
CA HIS A 95 -4.89 2.47 -7.12
C HIS A 95 -4.70 3.42 -5.96
N GLY A 96 -5.73 3.56 -5.14
CA GLY A 96 -5.68 4.39 -3.91
C GLY A 96 -6.12 5.82 -4.04
N TRP A 97 -6.56 6.19 -5.23
CA TRP A 97 -6.98 7.55 -5.53
C TRP A 97 -8.42 7.63 -6.05
N GLY A 98 -9.23 6.61 -5.72
CA GLY A 98 -10.59 6.49 -6.24
C GLY A 98 -11.47 7.73 -6.10
N LYS A 99 -11.54 8.26 -4.89
CA LYS A 99 -12.41 9.40 -4.63
C LYS A 99 -11.76 10.70 -5.10
N ILE A 100 -10.52 10.92 -4.69
CA ILE A 100 -9.86 12.21 -4.89
C ILE A 100 -9.60 12.52 -6.36
N ARG A 101 -9.12 11.53 -7.09
CA ARG A 101 -8.70 11.72 -8.46
C ARG A 101 -9.77 11.30 -9.46
N TYR A 102 -10.52 10.24 -9.14
CA TYR A 102 -11.44 9.66 -10.13
C TYR A 102 -12.93 9.83 -9.84
N GLY A 103 -13.26 10.57 -8.78
CA GLY A 103 -14.65 10.70 -8.35
C GLY A 103 -15.61 11.11 -9.46
N GLU A 104 -15.20 12.05 -10.31
CA GLU A 104 -16.05 12.55 -11.37
C GLU A 104 -16.18 11.64 -12.59
N TYR A 105 -15.42 10.56 -12.68
CA TYR A 105 -15.43 9.71 -13.87
C TYR A 105 -16.01 8.31 -13.63
N THR A 106 -16.08 7.89 -12.37
CA THR A 106 -16.43 6.52 -12.03
C THR A 106 -17.93 6.27 -12.08
N ALA A 107 -18.30 5.13 -12.64
CA ALA A 107 -19.69 4.63 -12.51
C ALA A 107 -19.93 4.15 -11.09
N ASP A 108 -21.09 4.47 -10.55
CA ASP A 108 -21.50 3.99 -9.27
C ASP A 108 -21.85 2.52 -9.36
N LEU A 109 -21.15 1.68 -8.57
CA LEU A 109 -21.35 0.28 -8.63
C LEU A 109 -22.25 -0.25 -7.52
N ARG A 110 -22.98 0.64 -6.84
CA ARG A 110 -23.78 0.21 -5.68
C ARG A 110 -24.85 -0.82 -5.98
N ASP A 111 -25.32 -0.89 -7.23
CA ASP A 111 -26.35 -1.86 -7.59
C ASP A 111 -25.83 -3.20 -8.14
N MET A 112 -24.51 -3.42 -8.03
CA MET A 112 -23.96 -4.71 -8.39
C MET A 112 -24.03 -5.72 -7.24
N LYS A 113 -24.23 -6.98 -7.61
CA LYS A 113 -24.45 -8.06 -6.64
C LYS A 113 -23.27 -8.25 -5.70
N TRP A 114 -22.02 -8.06 -6.21
CA TRP A 114 -20.83 -8.33 -5.37
C TRP A 114 -20.71 -7.41 -4.15
N THR A 115 -21.37 -6.25 -4.19
CA THR A 115 -21.19 -5.27 -3.14
C THR A 115 -21.65 -5.78 -1.77
N GLN A 116 -22.56 -6.76 -1.76
CA GLN A 116 -22.97 -7.33 -0.48
C GLN A 116 -21.80 -7.95 0.27
N ASP A 117 -20.75 -8.33 -0.44
CA ASP A 117 -19.60 -8.96 0.20
C ASP A 117 -18.35 -8.08 0.28
N LEU A 118 -18.50 -6.78 0.06
CA LEU A 118 -17.37 -5.88 0.21
C LEU A 118 -16.79 -5.96 1.64
N ASP A 119 -15.47 -6.14 1.78
CA ASP A 119 -14.85 -6.15 3.10
C ASP A 119 -15.19 -4.86 3.83
N PRO A 120 -15.82 -4.94 5.01
CA PRO A 120 -16.13 -3.67 5.67
C PRO A 120 -14.94 -2.76 6.02
N ASN A 121 -13.72 -3.30 6.08
CA ASN A 121 -12.54 -2.46 6.23
C ASN A 121 -12.30 -1.52 5.04
N LEU A 122 -13.00 -1.77 3.94
CA LEU A 122 -12.90 -0.97 2.74
C LEU A 122 -14.08 0.01 2.55
N ASN A 123 -15.05 0.01 3.47
CA ASN A 123 -16.19 0.94 3.32
C ASN A 123 -15.86 2.42 3.21
N SER A 124 -14.99 2.93 4.07
CA SER A 124 -14.62 4.35 4.03
C SER A 124 -13.79 4.71 2.85
N ILE A 125 -13.16 3.73 2.21
CA ILE A 125 -12.23 4.00 1.15
C ILE A 125 -12.91 3.93 -0.20
N LEU A 126 -13.77 2.92 -0.36
CA LEU A 126 -14.40 2.66 -1.66
C LEU A 126 -15.84 3.09 -1.77
N LYS A 127 -16.38 3.66 -0.70
CA LYS A 127 -17.73 4.19 -0.76
C LYS A 127 -17.75 5.58 -0.18
N ASN A 128 -18.80 6.32 -0.55
CA ASN A 128 -19.16 7.49 0.24
C ASN A 128 -20.29 7.13 1.19
N LYS A 129 -20.43 7.93 2.26
CA LYS A 129 -21.49 7.69 3.23
C LYS A 129 -22.88 7.77 2.56
N SER A 130 -23.00 8.56 1.48
CA SER A 130 -24.29 8.63 0.73
C SER A 130 -24.56 7.45 -0.24
N GLY A 131 -23.64 6.49 -0.29
CA GLY A 131 -23.93 5.18 -0.86
C GLY A 131 -23.18 4.78 -2.12
N LYS A 132 -22.52 5.74 -2.77
CA LYS A 132 -21.80 5.41 -4.02
C LYS A 132 -20.70 4.38 -3.73
N VAL A 133 -20.59 3.36 -4.59
CA VAL A 133 -19.44 2.43 -4.59
C VAL A 133 -18.62 2.83 -5.82
N TYR A 134 -17.39 3.28 -5.61
CA TYR A 134 -16.58 3.90 -6.66
C TYR A 134 -15.86 2.92 -7.58
N ALA A 135 -15.55 1.74 -7.05
CA ALA A 135 -14.71 0.76 -7.78
C ALA A 135 -14.79 -0.59 -7.10
N TYR A 136 -14.42 -1.61 -7.84
CA TYR A 136 -14.37 -3.00 -7.36
C TYR A 136 -12.95 -3.28 -6.93
N PRO A 137 -12.76 -3.69 -5.66
CA PRO A 137 -11.43 -4.03 -5.16
C PRO A 137 -10.99 -5.45 -5.52
N ILE A 138 -10.03 -5.58 -6.39
CA ILE A 138 -9.50 -6.89 -6.74
C ILE A 138 -8.86 -7.51 -5.48
N ASN A 139 -8.24 -6.67 -4.68
CA ASN A 139 -7.50 -7.11 -3.51
C ASN A 139 -7.49 -5.96 -2.52
N GLN A 140 -6.67 -6.08 -1.48
CA GLN A 140 -6.49 -4.99 -0.55
C GLN A 140 -5.12 -5.06 0.09
N ALA A 141 -4.60 -3.90 0.43
CA ALA A 141 -3.30 -3.80 1.05
C ALA A 141 -3.46 -3.61 2.54
N LYS A 142 -2.61 -4.29 3.31
CA LYS A 142 -2.61 -4.18 4.77
C LYS A 142 -1.16 -4.25 5.24
N ASP A 143 -0.55 -3.08 5.45
CA ASP A 143 0.88 -2.96 5.72
C ASP A 143 1.14 -2.56 7.17
N GLY A 144 2.16 -3.22 7.72
CA GLY A 144 2.73 -2.89 9.01
C GLY A 144 4.22 -3.08 8.95
N LEU A 145 4.72 -4.00 9.80
CA LEU A 145 6.12 -4.36 9.83
C LEU A 145 6.28 -5.85 9.58
N ALA A 146 7.29 -6.21 8.82
CA ALA A 146 7.69 -7.60 8.66
C ALA A 146 8.81 -7.92 9.66
N TYR A 147 8.85 -9.16 10.15
CA TYR A 147 9.82 -9.49 11.17
C TYR A 147 10.17 -10.96 11.16
N ASN A 148 11.34 -11.27 11.69
CA ASN A 148 11.84 -12.64 11.83
C ASN A 148 11.33 -13.21 13.13
N ARG A 149 10.38 -14.14 13.03
CA ARG A 149 9.72 -14.69 14.23
CA ARG A 149 9.71 -14.70 14.22
C ARG A 149 10.72 -15.36 15.18
N ASN A 150 11.68 -16.07 14.63
CA ASN A 150 12.63 -16.82 15.44
C ASN A 150 13.54 -15.88 16.22
N ILE A 151 13.92 -14.75 15.60
CA ILE A 151 14.78 -13.80 16.31
C ILE A 151 14.07 -13.19 17.49
N LEU A 152 12.81 -12.80 17.30
CA LEU A 152 12.06 -12.26 18.41
C LEU A 152 11.89 -13.29 19.53
N ASP A 153 11.61 -14.56 19.18
CA ASP A 153 11.53 -15.61 20.20
C ASP A 153 12.85 -15.82 20.92
N ARG A 154 13.97 -15.79 20.21
CA ARG A 154 15.29 -15.95 20.84
C ARG A 154 15.53 -14.94 21.94
N TYR A 155 15.06 -13.72 21.73
CA TYR A 155 15.31 -12.65 22.68
C TYR A 155 14.17 -12.27 23.60
N GLY A 156 13.09 -13.06 23.55
CA GLY A 156 11.98 -12.91 24.46
C GLY A 156 11.10 -11.71 24.18
N ILE A 157 11.07 -11.30 22.91
CA ILE A 157 10.37 -10.08 22.51
C ILE A 157 8.97 -10.39 21.96
N ALA A 158 7.96 -9.82 22.61
CA ALA A 158 6.60 -9.86 22.09
C ALA A 158 6.46 -8.85 20.95
N PRO A 159 5.53 -9.10 20.02
CA PRO A 159 5.34 -8.11 18.96
C PRO A 159 5.00 -6.72 19.50
N PRO A 160 5.73 -5.68 19.04
CA PRO A 160 5.46 -4.36 19.59
C PRO A 160 4.20 -3.70 19.03
N GLU A 161 3.44 -3.05 19.92
CA GLU A 161 2.18 -2.42 19.57
C GLU A 161 2.25 -0.88 19.60
N THR A 162 3.36 -0.35 20.09
CA THR A 162 3.57 1.09 20.19
C THR A 162 4.96 1.40 19.66
N MET A 163 5.15 2.65 19.23
CA MET A 163 6.47 3.10 18.79
C MET A 163 7.54 2.92 19.87
N ASP A 164 7.16 3.26 21.10
CA ASP A 164 8.11 3.12 22.21
C ASP A 164 8.51 1.67 22.45
N ASP A 165 7.53 0.77 22.37
CA ASP A 165 7.84 -0.65 22.52
C ASP A 165 8.65 -1.19 21.34
N PHE A 166 8.40 -0.64 20.15
CA PHE A 166 9.18 -1.01 18.97
C PHE A 166 10.67 -0.64 19.14
N ILE A 167 10.90 0.62 19.48
CA ILE A 167 12.26 1.11 19.67
C ILE A 167 12.97 0.30 20.80
N LYS A 168 12.22 0.02 21.86
CA LYS A 168 12.79 -0.80 22.95
C LYS A 168 13.19 -2.19 22.44
N ALA A 169 12.34 -2.79 21.60
CA ALA A 169 12.72 -4.07 20.98
C ALA A 169 13.99 -3.97 20.14
N LEU A 170 14.11 -2.89 19.36
CA LEU A 170 15.31 -2.69 18.55
C LEU A 170 16.54 -2.60 19.42
N ARG A 171 16.43 -1.85 20.52
CA ARG A 171 17.54 -1.74 21.48
C ARG A 171 17.89 -3.10 22.06
N THR A 172 16.88 -3.91 22.35
CA THR A 172 17.13 -5.27 22.87
C THR A 172 17.88 -6.13 21.88
N ILE A 173 17.46 -6.08 20.62
CA ILE A 173 18.12 -6.86 19.60
C ILE A 173 19.58 -6.44 19.44
N LYS A 174 19.84 -5.12 19.46
CA LYS A 174 21.18 -4.64 19.32
C LYS A 174 22.03 -5.17 20.49
N GLU A 175 21.50 -5.04 21.71
CA GLU A 175 22.22 -5.44 22.96
C GLU A 175 22.52 -6.95 22.94
N LYS A 176 21.46 -7.73 22.72
CA LYS A 176 21.58 -9.19 22.86
C LYS A 176 22.28 -9.85 21.68
N SER A 177 22.19 -9.28 20.47
CA SER A 177 22.84 -9.88 19.32
C SER A 177 24.29 -9.42 19.20
N LYS A 178 24.66 -8.47 20.06
CA LYS A 178 25.95 -7.81 20.08
C LYS A 178 26.31 -7.27 18.71
N GLY A 179 25.33 -6.69 18.03
CA GLY A 179 25.55 -6.13 16.70
C GLY A 179 25.50 -7.08 15.50
N SER A 180 25.22 -8.38 15.70
CA SER A 180 25.21 -9.37 14.62
C SER A 180 23.88 -9.40 13.82
N ILE A 181 22.84 -8.77 14.37
CA ILE A 181 21.56 -8.71 13.72
C ILE A 181 21.17 -7.22 13.55
N VAL A 182 20.80 -6.85 12.34
CA VAL A 182 20.25 -5.48 12.11
C VAL A 182 18.87 -5.40 12.72
N PRO A 183 18.64 -4.46 13.66
CA PRO A 183 17.33 -4.47 14.28
C PRO A 183 16.22 -4.02 13.29
N PHE A 184 16.47 -2.97 12.50
CA PHE A 184 15.44 -2.45 11.58
C PHE A 184 16.14 -2.07 10.31
N TRP A 185 15.87 -2.76 9.22
CA TRP A 185 16.68 -2.63 8.00
C TRP A 185 16.00 -1.82 6.94
N PHE A 186 16.77 -0.91 6.36
CA PHE A 186 16.34 -0.06 5.23
C PHE A 186 17.20 -0.22 4.01
N ALA A 187 16.54 -0.35 2.89
CA ALA A 187 17.23 -0.29 1.60
C ALA A 187 17.30 1.21 1.17
N GLY A 188 18.15 1.98 1.87
CA GLY A 188 18.14 3.41 1.78
C GLY A 188 18.70 3.93 0.47
N TYR A 189 19.33 3.08 -0.34
CA TYR A 189 19.71 3.49 -1.68
C TYR A 189 18.51 4.00 -2.46
N ASP A 190 17.34 3.38 -2.23
CA ASP A 190 16.07 3.76 -2.88
C ASP A 190 15.35 4.68 -1.90
N LYS A 191 15.13 5.92 -2.32
CA LYS A 191 14.47 6.88 -1.42
C LYS A 191 13.11 6.43 -0.97
N SER A 192 12.42 5.61 -1.77
CA SER A 192 11.06 5.19 -1.41
C SER A 192 11.11 4.37 -0.09
N SER A 193 12.26 3.80 0.25
CA SER A 193 12.38 3.06 1.54
C SER A 193 12.09 3.96 2.71
N PHE A 194 12.60 5.20 2.65
CA PHE A 194 12.31 6.15 3.73
C PHE A 194 10.93 6.76 3.61
N ALA A 195 10.46 6.96 2.38
CA ALA A 195 9.12 7.43 2.21
C ALA A 195 8.12 6.49 2.85
N GLN A 196 8.34 5.20 2.70
CA GLN A 196 7.41 4.23 3.27
C GLN A 196 7.31 4.37 4.81
N TYR A 197 8.47 4.58 5.42
CA TYR A 197 8.53 4.81 6.88
C TYR A 197 7.67 6.02 7.26
N TYR A 198 7.97 7.14 6.63
CA TYR A 198 7.24 8.37 6.94
C TYR A 198 5.75 8.21 6.68
N ASP A 199 5.41 7.67 5.52
CA ASP A 199 4.01 7.57 5.11
C ASP A 199 3.21 6.68 6.06
N GLN A 200 3.72 5.50 6.38
CA GLN A 200 3.00 4.60 7.24
C GLN A 200 2.84 5.19 8.64
N PHE A 201 3.93 5.73 9.21
CA PHE A 201 3.85 6.20 10.61
C PHE A 201 3.12 7.55 10.73
N ALA A 202 2.97 8.28 9.64
CA ALA A 202 2.18 9.51 9.67
C ALA A 202 0.73 9.25 10.07
N THR A 203 0.19 8.07 9.73
CA THR A 203 -1.17 7.70 10.11
C THR A 203 -1.40 7.60 11.65
N PRO A 204 -0.62 6.76 12.36
CA PRO A 204 -0.81 6.79 13.84
C PRO A 204 -0.44 8.14 14.42
N LEU A 205 0.47 8.88 13.81
CA LEU A 205 0.87 10.17 14.41
C LEU A 205 -0.24 11.21 14.28
N LEU A 206 -0.88 11.27 13.13
CA LEU A 206 -1.68 12.42 12.75
C LEU A 206 -3.15 12.14 12.45
N ILE A 207 -3.52 10.87 12.31
CA ILE A 207 -4.83 10.49 11.81
C ILE A 207 -5.68 9.67 12.75
N THR A 208 -5.16 8.58 13.32
CA THR A 208 -6.03 7.57 13.93
C THR A 208 -6.63 7.99 15.28
N ASP A 209 -5.93 8.83 16.03
CA ASP A 209 -6.39 9.15 17.42
C ASP A 209 -7.28 10.38 17.37
N PRO A 210 -8.58 10.22 17.72
CA PRO A 210 -9.49 11.39 17.62
C PRO A 210 -9.02 12.60 18.44
N ALA A 211 -8.38 12.36 19.59
CA ALA A 211 -7.88 13.45 20.41
C ALA A 211 -6.55 14.05 19.92
N HIS A 212 -5.89 13.38 18.95
CA HIS A 212 -4.59 13.80 18.46
C HIS A 212 -4.49 13.59 16.98
N ASN A 213 -5.38 14.25 16.25
CA ASN A 213 -5.31 14.21 14.84
C ASN A 213 -5.48 15.55 14.18
N GLU A 214 -5.05 15.55 12.93
CA GLU A 214 -4.91 16.75 12.15
C GLU A 214 -5.53 16.59 10.77
N LYS A 215 -6.50 15.70 10.64
CA LYS A 215 -7.18 15.46 9.35
C LYS A 215 -7.66 16.73 8.68
N LYS A 216 -8.40 17.54 9.44
CA LYS A 216 -8.99 18.75 8.85
C LYS A 216 -7.92 19.74 8.41
N GLN A 217 -6.88 19.91 9.22
CA GLN A 217 -5.81 20.86 8.92
C GLN A 217 -4.93 20.43 7.76
N LEU A 218 -4.69 19.13 7.64
CA LEU A 218 -4.02 18.61 6.47
C LEU A 218 -4.80 18.87 5.19
N ILE A 219 -6.10 18.61 5.22
CA ILE A 219 -6.94 18.81 4.03
C ILE A 219 -7.05 20.29 3.65
N ASN A 220 -7.17 21.17 4.63
CA ASN A 220 -7.37 22.59 4.31
C ASN A 220 -6.12 23.47 4.24
N GLY A 221 -4.93 22.90 4.35
CA GLY A 221 -3.70 23.64 4.15
C GLY A 221 -3.10 24.33 5.35
N THR A 222 -3.78 24.24 6.49
CA THR A 222 -3.31 24.89 7.73
C THR A 222 -2.42 24.00 8.62
N PHE A 223 -2.14 22.77 8.20
CA PHE A 223 -1.29 21.89 9.00
C PHE A 223 0.07 22.48 9.33
N GLN A 224 0.44 22.38 10.60
CA GLN A 224 1.75 22.82 11.06
C GLN A 224 2.74 21.65 11.02
N TRP A 225 3.74 21.76 10.16
CA TRP A 225 4.71 20.69 9.94
C TRP A 225 5.61 20.45 11.15
N SER A 226 5.60 21.38 12.11
CA SER A 226 6.24 21.12 13.38
C SER A 226 5.72 19.85 14.06
N LYS A 227 4.48 19.44 13.75
CA LYS A 227 3.89 18.23 14.30
C LYS A 227 4.44 16.94 13.66
N PHE A 228 5.12 17.09 12.54
CA PHE A 228 5.67 15.97 11.79
C PHE A 228 7.10 15.67 12.28
N THR A 229 7.75 16.61 12.98
CA THR A 229 9.16 16.47 13.30
C THR A 229 9.50 15.23 14.09
N TYR A 230 8.53 14.85 14.92
CA TYR A 230 8.66 13.59 15.68
C TYR A 230 9.18 12.41 14.85
N LEU A 231 8.63 12.24 13.65
CA LEU A 231 9.09 11.09 12.84
C LEU A 231 10.53 11.19 12.38
N SER A 232 10.97 12.41 12.13
CA SER A 232 12.37 12.59 11.76
C SER A 232 13.33 12.37 12.98
N GLU A 233 12.86 12.82 14.14
CA GLU A 233 13.60 12.58 15.39
C GLU A 233 13.76 11.09 15.66
N ILE A 234 12.68 10.34 15.50
CA ILE A 234 12.74 8.91 15.72
C ILE A 234 13.73 8.26 14.74
N LEU A 235 13.67 8.65 13.46
CA LEU A 235 14.57 8.08 12.47
C LEU A 235 16.04 8.40 12.78
N LYS A 236 16.29 9.62 13.25
CA LYS A 236 17.62 10.04 13.63
C LYS A 236 18.09 9.30 14.88
N GLN A 237 17.19 9.10 15.85
CA GLN A 237 17.49 8.23 17.01
C GLN A 237 17.91 6.84 16.59
N MET A 238 17.15 6.26 15.66
CA MET A 238 17.49 4.92 15.21
C MET A 238 18.84 4.90 14.54
N GLN A 239 19.13 5.89 13.69
CA GLN A 239 20.44 5.95 13.08
C GLN A 239 21.55 6.09 14.13
N LYS A 240 21.44 7.08 14.98
CA LYS A 240 22.52 7.36 15.92
C LYS A 240 22.80 6.18 16.85
N GLU A 241 21.72 5.51 17.27
CA GLU A 241 21.78 4.40 18.23
C GLU A 241 22.05 3.05 17.59
N LYS A 242 22.34 3.07 16.31
CA LYS A 242 22.69 1.88 15.53
C LYS A 242 21.57 0.86 15.56
N LEU A 243 20.33 1.35 15.47
CA LEU A 243 19.15 0.45 15.43
C LEU A 243 18.73 0.17 14.00
N ILE A 244 19.24 0.94 13.06
CA ILE A 244 19.12 0.65 11.63
C ILE A 244 20.47 0.19 11.11
N ASN A 245 20.49 -0.37 9.90
CA ASN A 245 21.71 -0.77 9.30
C ASN A 245 22.67 0.42 9.06
N ILE A 246 23.93 0.17 9.37
CA ILE A 246 25.00 1.16 9.21
C ILE A 246 25.13 1.63 7.76
N ASP A 247 24.85 0.75 6.81
CA ASP A 247 24.92 1.01 5.39
C ASP A 247 23.59 1.44 4.77
N ALA A 248 22.67 1.97 5.58
CA ALA A 248 21.33 2.32 5.07
C ALA A 248 21.37 3.17 3.82
N VAL A 249 22.23 4.19 3.78
CA VAL A 249 22.36 5.05 2.60
C VAL A 249 22.73 4.32 1.30
N THR A 250 23.44 3.20 1.37
CA THR A 250 23.85 2.46 0.18
C THR A 250 23.17 1.10 0.01
N ALA A 251 22.34 0.68 0.96
CA ALA A 251 21.73 -0.65 0.87
C ALA A 251 20.63 -0.69 -0.16
N LYS A 252 20.60 -1.77 -0.93
CA LYS A 252 19.73 -1.93 -2.06
C LYS A 252 18.62 -2.93 -1.80
N LYS A 253 17.45 -2.70 -2.42
CA LYS A 253 16.31 -3.60 -2.27
C LYS A 253 16.67 -5.04 -2.63
N SER A 254 17.56 -5.21 -3.60
CA SER A 254 17.94 -6.54 -4.08
C SER A 254 18.66 -7.36 -3.01
N GLN A 255 19.15 -6.74 -1.92
CA GLN A 255 19.85 -7.42 -0.86
C GLN A 255 18.93 -8.02 0.21
N LEU A 256 17.67 -7.57 0.25
CA LEU A 256 16.81 -7.85 1.39
C LEU A 256 16.55 -9.34 1.59
N ILE A 257 16.12 -10.02 0.54
CA ILE A 257 15.69 -11.42 0.69
C ILE A 257 16.84 -12.26 1.23
N GLU A 258 18.02 -12.13 0.64
CA GLU A 258 19.17 -12.92 1.09
C GLU A 258 19.53 -12.60 2.56
N LEU A 259 19.52 -11.34 2.96
CA LEU A 259 19.86 -11.00 4.33
C LEU A 259 18.81 -11.51 5.32
N MET A 260 17.53 -11.39 4.98
CA MET A 260 16.48 -11.88 5.84
CA MET A 260 16.48 -11.90 5.87
C MET A 260 16.58 -13.41 5.99
N ALA A 261 16.83 -14.09 4.88
CA ALA A 261 16.98 -15.57 4.90
C ALA A 261 18.20 -16.03 5.68
N GLN A 262 19.17 -15.15 5.90
CA GLN A 262 20.37 -15.49 6.66
C GLN A 262 20.24 -15.09 8.12
N ASN A 263 19.02 -14.78 8.61
CA ASN A 263 18.84 -14.37 10.00
C ASN A 263 19.66 -13.14 10.38
N LYS A 264 19.81 -12.21 9.44
CA LYS A 264 20.58 -11.00 9.64
C LYS A 264 19.74 -9.74 9.94
N ILE A 265 18.41 -9.90 9.89
CA ILE A 265 17.51 -8.75 10.02
C ILE A 265 16.35 -9.09 10.92
N ALA A 266 16.07 -8.28 11.93
CA ALA A 266 14.89 -8.54 12.79
C ALA A 266 13.59 -7.98 12.22
N PHE A 267 13.56 -6.69 11.91
CA PHE A 267 12.38 -6.00 11.37
C PHE A 267 12.72 -5.27 10.07
N THR A 268 11.71 -5.11 9.23
CA THR A 268 11.79 -4.21 8.07
C THR A 268 10.38 -3.79 7.73
N MET A 269 10.23 -2.67 7.01
CA MET A 269 8.90 -2.26 6.57
C MET A 269 8.35 -3.23 5.58
N GLN A 270 7.03 -3.43 5.64
CA GLN A 270 6.47 -4.51 4.85
C GLN A 270 6.56 -4.24 3.36
N GLY A 271 7.03 -5.24 2.63
CA GLY A 271 7.07 -5.18 1.16
C GLY A 271 6.02 -6.04 0.48
N GLY A 272 5.55 -7.08 1.18
CA GLY A 272 4.41 -7.87 0.70
C GLY A 272 4.73 -9.33 0.35
N THR A 273 5.91 -9.62 -0.16
CA THR A 273 6.23 -11.01 -0.53
C THR A 273 7.47 -11.52 0.18
N LEU A 274 7.89 -10.84 1.23
CA LEU A 274 9.17 -11.17 1.84
C LEU A 274 9.15 -12.58 2.43
N GLY A 275 8.09 -12.90 3.17
CA GLY A 275 8.00 -14.19 3.83
C GLY A 275 8.09 -15.31 2.84
N GLN A 276 7.30 -15.20 1.78
CA GLN A 276 7.23 -16.30 0.82
C GLN A 276 8.54 -16.43 0.05
N ASP A 277 9.16 -15.30 -0.25
CA ASP A 277 10.42 -15.30 -0.98
C ASP A 277 11.57 -15.88 -0.14
N VAL A 278 11.60 -15.52 1.14
CA VAL A 278 12.60 -16.04 2.06
C VAL A 278 12.41 -17.55 2.25
N ALA A 279 11.16 -17.98 2.42
CA ALA A 279 10.87 -19.42 2.60
C ALA A 279 11.37 -20.27 1.45
N GLN A 280 11.39 -19.71 0.24
CA GLN A 280 11.90 -20.45 -0.92
C GLN A 280 13.39 -20.69 -0.85
N ILE A 281 14.12 -19.80 -0.22
CA ILE A 281 15.57 -19.87 -0.11
C ILE A 281 16.01 -20.59 1.20
N ASN A 282 15.34 -20.27 2.28
CA ASN A 282 15.61 -20.89 3.58
C ASN A 282 14.28 -21.11 4.30
N PRO A 283 13.71 -22.34 4.20
CA PRO A 283 12.44 -22.64 4.84
C PRO A 283 12.50 -22.62 6.37
N ASN A 284 13.70 -22.56 6.94
CA ASN A 284 13.85 -22.49 8.37
C ASN A 284 13.64 -21.09 8.92
N VAL A 285 13.53 -20.08 8.06
CA VAL A 285 13.24 -18.72 8.53
C VAL A 285 11.79 -18.36 8.25
N LYS A 286 11.08 -18.02 9.33
CA LYS A 286 9.68 -17.70 9.27
C LYS A 286 9.52 -16.20 9.46
N VAL A 287 9.06 -15.54 8.43
CA VAL A 287 8.78 -14.09 8.45
C VAL A 287 7.30 -13.89 8.67
N GLY A 288 6.96 -13.06 9.65
CA GLY A 288 5.61 -12.66 9.96
C GLY A 288 5.38 -11.19 9.71
N ILE A 289 4.14 -10.78 9.82
CA ILE A 289 3.80 -9.36 9.79
C ILE A 289 2.97 -8.98 11.01
N ILE A 290 3.11 -7.73 11.42
CA ILE A 290 2.30 -7.11 12.45
C ILE A 290 1.83 -5.76 11.93
N PRO A 291 0.71 -5.27 12.52
CA PRO A 291 0.21 -3.96 12.13
C PRO A 291 1.22 -2.87 12.47
N THR A 292 1.03 -1.70 11.90
CA THR A 292 1.85 -0.53 12.20
C THR A 292 1.61 -0.14 13.65
N PRO A 293 2.70 -0.05 14.46
CA PRO A 293 2.50 0.38 15.85
C PRO A 293 1.86 1.75 15.98
N ALA A 294 1.07 1.89 17.05
CA ALA A 294 0.49 3.16 17.43
C ALA A 294 1.54 4.08 18.07
N ILE A 295 1.20 5.36 18.10
CA ILE A 295 2.08 6.39 18.63
C ILE A 295 1.51 7.08 19.87
N HIS A 296 0.24 7.40 19.86
CA HIS A 296 -0.37 8.08 21.00
C HIS A 296 -0.91 7.08 22.04
N PRO A 297 -0.86 7.46 23.31
CA PRO A 297 -1.33 6.55 24.37
C PRO A 297 -2.78 6.16 24.20
N GLY A 298 -3.01 4.86 24.37
CA GLY A 298 -4.35 4.33 24.27
C GLY A 298 -4.80 4.00 22.86
N ASP A 299 -4.07 4.47 21.83
CA ASP A 299 -4.46 4.20 20.45
C ASP A 299 -4.03 2.80 20.03
N ASP A 300 -4.76 2.22 19.08
CA ASP A 300 -4.53 0.87 18.60
C ASP A 300 -3.57 0.89 17.40
N PRO A 301 -2.83 -0.21 17.24
CA PRO A 301 -2.09 -0.43 16.00
C PRO A 301 -3.04 -0.47 14.80
N ILE A 302 -2.50 -0.27 13.62
CA ILE A 302 -3.31 -0.04 12.44
C ILE A 302 -2.65 -0.71 11.23
N TRP A 303 -3.49 -1.33 10.37
CA TRP A 303 -3.02 -1.72 9.03
C TRP A 303 -3.13 -0.55 8.05
N ILE A 304 -2.12 -0.35 7.23
CA ILE A 304 -2.09 0.74 6.25
C ILE A 304 -2.27 0.21 4.87
N GLY A 305 -3.13 0.85 4.10
CA GLY A 305 -3.27 0.45 2.70
C GLY A 305 -4.67 0.68 2.18
N GLY A 306 -5.44 -0.37 2.19
CA GLY A 306 -6.82 -0.32 1.69
C GLY A 306 -6.84 -0.66 0.24
N GLU A 307 -7.19 0.30 -0.64
CA GLU A 307 -7.11 0.06 -2.08
C GLU A 307 -5.74 -0.36 -2.48
N ARG A 308 -5.65 -1.37 -3.31
CA ARG A 308 -4.42 -1.70 -3.97
C ARG A 308 -4.68 -1.65 -5.48
N TYR A 309 -5.30 -2.71 -6.00
CA TYR A 309 -5.74 -2.74 -7.40
C TYR A 309 -7.24 -2.73 -7.45
N THR A 310 -7.81 -1.87 -8.31
CA THR A 310 -9.24 -1.84 -8.50
C THR A 310 -9.63 -1.87 -9.97
N LEU A 311 -10.89 -2.18 -10.19
CA LEU A 311 -11.55 -2.03 -11.48
C LEU A 311 -12.67 -1.03 -11.25
N ALA A 312 -12.52 0.15 -11.83
CA ALA A 312 -13.53 1.18 -11.89
C ALA A 312 -14.00 1.27 -13.33
N ALA A 313 -15.30 1.47 -13.54
CA ALA A 313 -15.85 1.60 -14.89
C ALA A 313 -16.03 3.07 -15.18
N TRP A 314 -15.73 3.46 -16.41
CA TRP A 314 -15.99 4.83 -16.80
C TRP A 314 -17.50 5.03 -17.02
N LYS A 315 -18.07 6.00 -16.30
CA LYS A 315 -19.51 6.23 -16.33
CA LYS A 315 -19.51 6.24 -16.33
C LYS A 315 -20.03 6.52 -17.73
N ASP A 316 -19.19 7.13 -18.56
CA ASP A 316 -19.59 7.48 -19.90
C ASP A 316 -19.05 6.53 -20.96
N SER A 317 -18.57 5.34 -20.56
CA SER A 317 -18.16 4.36 -21.54
C SER A 317 -19.31 3.90 -22.40
N PRO A 318 -19.12 3.87 -23.73
CA PRO A 318 -20.14 3.24 -24.57
C PRO A 318 -20.29 1.75 -24.29
N GLN A 319 -19.30 1.16 -23.62
CA GLN A 319 -19.32 -0.25 -23.30
C GLN A 319 -19.47 -0.50 -21.78
N LEU A 320 -20.16 0.39 -21.11
CA LEU A 320 -20.37 0.31 -19.67
C LEU A 320 -20.97 -1.03 -19.27
N LYS A 321 -21.91 -1.53 -20.07
CA LYS A 321 -22.59 -2.79 -19.72
C LYS A 321 -21.57 -3.94 -19.69
N GLU A 322 -20.70 -3.99 -20.69
CA GLU A 322 -19.67 -5.00 -20.80
C GLU A 322 -18.62 -4.84 -19.68
N ALA A 323 -18.32 -3.60 -19.38
CA ALA A 323 -17.39 -3.27 -18.27
C ALA A 323 -17.93 -3.85 -16.96
N LYS A 324 -19.22 -3.62 -16.68
CA LYS A 324 -19.86 -4.22 -15.51
C LYS A 324 -19.90 -5.74 -15.57
N ASP A 325 -20.16 -6.32 -16.76
CA ASP A 325 -20.15 -7.77 -16.90
C ASP A 325 -18.74 -8.31 -16.53
N PHE A 326 -17.69 -7.56 -16.91
CA PHE A 326 -16.33 -8.01 -16.64
C PHE A 326 -16.05 -7.95 -15.10
N ILE A 327 -16.49 -6.85 -14.47
CA ILE A 327 -16.33 -6.74 -13.02
C ILE A 327 -17.05 -7.92 -12.33
N ALA A 328 -18.29 -8.18 -12.73
CA ALA A 328 -19.05 -9.30 -12.12
C ALA A 328 -18.34 -10.63 -12.31
N PHE A 329 -17.73 -10.82 -13.48
CA PHE A 329 -16.97 -12.01 -13.77
C PHE A 329 -15.77 -12.10 -12.79
N MET A 330 -15.02 -11.02 -12.68
CA MET A 330 -13.85 -10.99 -11.78
C MET A 330 -14.22 -11.26 -10.31
N ALA A 331 -15.45 -10.87 -9.93
CA ALA A 331 -15.94 -11.01 -8.56
C ALA A 331 -16.44 -12.41 -8.22
N ARG A 332 -16.63 -13.26 -9.21
CA ARG A 332 -17.01 -14.67 -8.92
C ARG A 332 -15.92 -15.25 -7.99
N PRO A 333 -16.30 -15.99 -6.95
CA PRO A 333 -15.29 -16.40 -5.97
C PRO A 333 -14.06 -17.14 -6.51
N ALA A 334 -14.21 -18.06 -7.45
CA ALA A 334 -13.03 -18.75 -7.95
C ALA A 334 -12.11 -17.80 -8.66
N ASN A 335 -12.68 -16.88 -9.45
CA ASN A 335 -11.86 -15.88 -10.13
C ASN A 335 -11.20 -14.88 -9.18
N ALA A 336 -11.96 -14.42 -8.20
CA ALA A 336 -11.41 -13.46 -7.23
C ALA A 336 -10.33 -14.10 -6.41
N LYS A 337 -10.48 -15.38 -6.09
CA LYS A 337 -9.42 -16.08 -5.33
C LYS A 337 -8.15 -16.20 -6.14
N GLN A 338 -8.29 -16.59 -7.41
CA GLN A 338 -7.17 -16.72 -8.31
C GLN A 338 -6.41 -15.41 -8.49
N MET A 339 -7.15 -14.35 -8.80
CA MET A 339 -6.51 -13.06 -9.00
C MET A 339 -5.82 -12.57 -7.71
N ALA A 340 -6.50 -12.68 -6.57
CA ALA A 340 -5.91 -12.23 -5.32
C ALA A 340 -4.63 -12.98 -4.99
N GLU A 341 -4.66 -14.31 -5.15
CA GLU A 341 -3.45 -15.07 -4.90
C GLU A 341 -2.25 -14.65 -5.77
N ALA A 342 -2.50 -14.30 -7.01
CA ALA A 342 -1.43 -13.80 -7.88
C ALA A 342 -0.78 -12.52 -7.38
N THR A 343 -1.55 -11.72 -6.63
CA THR A 343 -1.09 -10.47 -6.06
C THR A 343 -0.52 -10.60 -4.65
N SER A 344 -0.61 -11.80 -4.09
CA SER A 344 -0.14 -12.12 -2.73
C SER A 344 -0.86 -11.34 -1.64
N LEU A 345 -2.11 -10.96 -1.90
CA LEU A 345 -2.87 -10.15 -0.97
C LEU A 345 -4.26 -10.67 -0.85
N PRO A 346 -4.96 -10.29 0.23
CA PRO A 346 -6.35 -10.74 0.35
C PRO A 346 -7.25 -10.15 -0.73
N SER A 347 -8.30 -10.88 -1.04
CA SER A 347 -9.39 -10.33 -1.87
C SER A 347 -10.09 -9.22 -1.16
N GLY A 348 -10.78 -8.38 -1.94
CA GLY A 348 -11.63 -7.35 -1.38
C GLY A 348 -12.99 -7.82 -0.91
N LEU A 349 -13.29 -9.12 -1.05
CA LEU A 349 -14.61 -9.70 -0.74
C LEU A 349 -14.52 -10.65 0.41
N THR A 350 -15.54 -10.63 1.27
CA THR A 350 -15.54 -11.44 2.48
C THR A 350 -15.80 -12.92 2.19
N ASN A 351 -16.37 -13.24 1.03
CA ASN A 351 -16.73 -14.63 0.70
C ASN A 351 -15.59 -15.33 -0.02
N VAL A 352 -14.40 -14.71 -0.02
CA VAL A 352 -13.25 -15.24 -0.75
C VAL A 352 -12.09 -15.30 0.19
N LYS A 353 -11.52 -16.49 0.36
CA LYS A 353 -10.41 -16.61 1.26
C LYS A 353 -9.21 -17.08 0.47
N ALA A 354 -8.45 -16.10 -0.02
CA ALA A 354 -7.26 -16.34 -0.82
C ALA A 354 -6.19 -17.00 0.07
N ASP A 355 -5.57 -18.05 -0.46
CA ASP A 355 -4.55 -18.81 0.24
C ASP A 355 -3.22 -18.13 0.03
N ILE A 356 -2.94 -17.10 0.83
CA ILE A 356 -1.74 -16.31 0.70
C ILE A 356 -0.81 -16.56 1.90
N PHE A 357 0.45 -16.18 1.73
CA PHE A 357 1.47 -16.49 2.73
C PHE A 357 1.16 -15.91 4.11
N TYR A 358 0.67 -14.67 4.15
CA TYR A 358 0.40 -14.04 5.44
C TYR A 358 -1.02 -14.23 5.94
N ALA A 359 -1.76 -15.20 5.37
CA ALA A 359 -3.13 -15.38 5.80
C ALA A 359 -3.29 -15.60 7.32
N ASN A 360 -2.34 -16.37 7.87
N ASN A 360 -2.43 -16.38 7.95
CA ASN A 360 -2.25 -16.69 9.34
CA ASN A 360 -2.62 -16.61 9.39
C ASN A 360 -2.28 -15.40 10.17
C ASN A 360 -2.39 -15.31 10.18
N ASP A 361 -1.39 -14.50 9.80
CA ASP A 361 -1.23 -13.23 10.52
C ASP A 361 -2.40 -12.32 10.31
N TYR A 362 -2.97 -12.27 9.11
CA TYR A 362 -4.18 -11.45 8.94
C TYR A 362 -5.38 -11.97 9.78
N GLU A 363 -5.48 -13.29 9.98
CA GLU A 363 -6.50 -13.83 10.85
CA GLU A 363 -6.51 -13.81 10.86
C GLU A 363 -6.20 -13.47 12.32
N TYR A 364 -4.95 -13.57 12.71
CA TYR A 364 -4.57 -13.22 14.08
C TYR A 364 -4.93 -11.78 14.37
N TYR A 365 -4.79 -10.91 13.36
CA TYR A 365 -5.08 -9.50 13.49
C TYR A 365 -6.37 -9.05 12.81
N GLN A 366 -7.34 -9.97 12.78
CA GLN A 366 -8.60 -9.76 12.06
C GLN A 366 -9.35 -8.52 12.55
N ASP A 367 -9.19 -8.17 13.81
CA ASP A 367 -9.99 -7.03 14.30
CA ASP A 367 -9.85 -7.07 14.52
C ASP A 367 -9.24 -5.70 14.22
N VAL A 368 -8.05 -5.72 13.62
CA VAL A 368 -7.30 -4.47 13.46
C VAL A 368 -7.91 -3.71 12.28
N LYS A 369 -8.04 -2.40 12.41
CA LYS A 369 -8.65 -1.59 11.39
C LYS A 369 -7.66 -1.24 10.28
N VAL A 370 -8.20 -0.65 9.21
CA VAL A 370 -7.41 -0.30 8.05
C VAL A 370 -7.55 1.18 7.79
N GLU A 371 -6.40 1.81 7.52
CA GLU A 371 -6.37 3.21 7.13
C GLU A 371 -5.74 3.32 5.73
N PRO A 372 -6.27 4.20 4.89
CA PRO A 372 -5.62 4.43 3.61
C PRO A 372 -4.24 5.05 3.76
N TYR A 373 -3.39 4.88 2.75
CA TYR A 373 -2.09 5.53 2.80
CA TYR A 373 -2.09 5.53 2.71
C TYR A 373 -2.21 7.04 2.99
N PHE A 374 -1.46 7.54 3.96
CA PHE A 374 -1.55 8.94 4.38
C PHE A 374 -1.38 9.88 3.18
N ASP A 375 -0.38 9.64 2.36
CA ASP A 375 -0.06 10.62 1.33
C ASP A 375 -1.15 10.72 0.28
N ARG A 376 -1.83 9.62 0.03
CA ARG A 376 -2.88 9.59 -0.99
C ARG A 376 -4.12 10.34 -0.56
N LEU A 377 -4.39 10.40 0.73
CA LEU A 377 -5.56 11.09 1.18
C LEU A 377 -5.31 12.51 1.70
N TYR A 378 -4.14 12.76 2.28
CA TYR A 378 -3.89 13.97 3.09
C TYR A 378 -2.86 14.94 2.54
N LEU A 379 -2.07 14.54 1.53
CA LEU A 379 -1.01 15.32 0.97
C LEU A 379 -1.25 15.56 -0.52
N PRO A 380 -0.79 16.71 -1.01
CA PRO A 380 -0.88 16.92 -2.46
C PRO A 380 0.00 15.95 -3.22
N ASN A 381 -0.43 15.63 -4.44
CA ASN A 381 0.32 14.75 -5.29
C ASN A 381 1.73 15.29 -5.50
N GLY A 382 2.73 14.39 -5.36
CA GLY A 382 4.11 14.78 -5.42
C GLY A 382 4.84 14.65 -4.08
N MET A 383 4.10 14.53 -2.98
CA MET A 383 4.75 14.53 -1.65
C MET A 383 5.47 13.21 -1.33
N TRP A 384 5.09 12.12 -1.99
CA TRP A 384 5.78 10.83 -1.80
C TRP A 384 7.26 10.95 -2.07
N ASP A 385 7.60 11.56 -3.21
CA ASP A 385 9.00 11.71 -3.55
CA ASP A 385 9.00 11.77 -3.58
C ASP A 385 9.73 12.61 -2.55
N VAL A 386 9.05 13.66 -2.08
CA VAL A 386 9.64 14.59 -1.14
C VAL A 386 9.91 13.87 0.20
N LEU A 387 8.98 13.02 0.65
CA LEU A 387 9.22 12.24 1.91
C LEU A 387 10.47 11.36 1.77
N GLY A 388 10.61 10.73 0.60
CA GLY A 388 11.76 9.88 0.35
C GLY A 388 13.07 10.67 0.36
N THR A 389 13.04 11.82 -0.33
CA THR A 389 14.14 12.79 -0.40
C THR A 389 14.63 13.16 0.99
N VAL A 390 13.74 13.63 1.83
CA VAL A 390 14.17 14.16 3.12
C VAL A 390 14.70 13.04 4.01
N GLY A 391 14.09 11.86 3.90
CA GLY A 391 14.58 10.75 4.67
C GLY A 391 15.96 10.31 4.24
N GLN A 392 16.22 10.32 2.93
CA GLN A 392 17.53 9.96 2.45
C GLN A 392 18.57 11.01 2.85
N GLU A 393 18.18 12.29 2.82
CA GLU A 393 19.07 13.34 3.27
C GLU A 393 19.35 13.29 4.78
N LEU A 394 18.36 12.87 5.56
CA LEU A 394 18.56 12.66 6.98
C LEU A 394 19.57 11.53 7.16
N ALA A 395 19.36 10.40 6.48
CA ALA A 395 20.23 9.24 6.70
C ALA A 395 21.66 9.54 6.27
N ALA A 396 21.79 10.42 5.28
CA ALA A 396 23.11 10.80 4.79
C ALA A 396 23.72 11.98 5.58
N ASP A 397 23.07 12.45 6.63
CA ASP A 397 23.58 13.50 7.51
C ASP A 397 23.66 14.85 6.81
N ILE A 398 22.85 15.03 5.79
CA ILE A 398 22.77 16.30 5.05
C ILE A 398 21.76 17.28 5.71
N LEU A 399 20.63 16.76 6.21
CA LEU A 399 19.60 17.58 6.85
C LEU A 399 19.31 17.05 8.24
N ALA A 400 19.05 17.97 9.17
CA ALA A 400 18.67 17.66 10.55
C ALA A 400 17.15 17.68 10.68
N PRO A 401 16.60 16.97 11.71
CA PRO A 401 15.14 16.88 11.82
C PRO A 401 14.37 18.19 11.77
N GLN A 402 14.84 19.22 12.51
CA GLN A 402 14.10 20.50 12.49
C GLN A 402 14.03 21.15 11.09
N ASP A 403 15.12 21.04 10.34
CA ASP A 403 15.15 21.59 8.99
C ASP A 403 14.29 20.82 7.99
N ILE A 404 14.12 19.52 8.22
CA ILE A 404 13.24 18.70 7.37
C ILE A 404 11.78 19.15 7.40
N SER A 405 11.26 19.44 8.59
CA SER A 405 9.88 19.84 8.68
C SER A 405 9.66 21.16 7.97
N GLN A 406 10.67 22.02 7.95
CA GLN A 406 10.50 23.28 7.23
C GLN A 406 10.43 23.05 5.72
N LYS A 407 11.31 22.20 5.22
CA LYS A 407 11.24 21.80 3.80
C LYS A 407 9.93 21.13 3.42
N LEU A 408 9.45 20.24 4.27
CA LEU A 408 8.20 19.60 3.95
C LEU A 408 7.06 20.61 3.81
N GLY A 409 7.01 21.59 4.72
CA GLY A 409 5.96 22.60 4.72
C GLY A 409 6.01 23.41 3.44
N ARG A 410 7.22 23.74 3.02
CA ARG A 410 7.38 24.52 1.78
C ARG A 410 6.90 23.72 0.57
N GLU A 411 7.29 22.45 0.47
CA GLU A 411 6.83 21.61 -0.63
C GLU A 411 5.31 21.34 -0.62
N TYR A 412 4.75 21.14 0.58
CA TYR A 412 3.32 20.99 0.74
C TYR A 412 2.59 22.20 0.19
N LYS A 413 3.05 23.38 0.57
CA LYS A 413 2.43 24.62 0.13
C LYS A 413 2.56 24.77 -1.40
N ARG A 414 3.77 24.53 -1.88
CA ARG A 414 4.04 24.62 -3.33
C ARG A 414 3.18 23.67 -4.15
N LEU A 415 3.12 22.41 -3.71
CA LEU A 415 2.41 21.40 -4.50
C LEU A 415 0.90 21.56 -4.41
N ARG A 416 0.40 22.07 -3.29
CA ARG A 416 -1.01 22.46 -3.20
C ARG A 416 -1.31 23.59 -4.16
N GLU A 417 -0.40 24.57 -4.22
CA GLU A 417 -0.58 25.77 -5.07
C GLU A 417 -0.56 25.40 -6.56
N GLN A 418 0.21 24.37 -6.89
CA GLN A 418 0.32 23.87 -8.27
C GLN A 418 -0.85 22.94 -8.65
N SER A 419 -1.19 22.00 -7.77
CA SER A 419 -2.40 21.15 -7.97
C SER A 419 -3.67 22.00 -8.09
N GLU A 420 -3.74 23.07 -7.29
CA GLU A 420 -4.80 24.06 -7.44
C GLU A 420 -4.71 24.74 -8.81
N THR A 421 -3.59 25.38 -9.10
CA THR A 421 -3.45 26.23 -10.29
C THR A 421 -2.41 25.70 -11.27
#